data_7F73
#
_entry.id   7F73
#
_cell.length_a   1.00
_cell.length_b   1.00
_cell.length_c   1.00
_cell.angle_alpha   90.00
_cell.angle_beta   90.00
_cell.angle_gamma   90.00
#
_symmetry.space_group_name_H-M   'P 1'
#
_entity_poly.entity_id   1
_entity_poly.type   'polypeptide(L)'
_entity_poly.pdbx_seq_one_letter_code
;MDYKDDDDKGSDYKDDDDKGSDYKDDDDKGSDEVDAMVSKGEEDNMAIIKEFMRFKVHMEGSVNGHEFEIEGEGEGRPYE
GTQTAKLKVTKGGPLPFAWDILSPQFMYGSKAYVKHPADIPDYLKLSFPEGFKWERVMNFEDGGVVTVTQDSSLQDGEFI
YKVKLRGTNFPSDGPVMQKKTMGWEASSERMYPEDGALKGEIKQRLKLKDGGHYDAEVKTTYKAKKPVQLPGAYNVNIKL
DITSHNEDYTIVEQYERAEGRHSTGGMDELYKLEVLFQGPEFMSGQLERCEREWHELEGEFQELQETHRIYKQKLEELAA
LQTLCSSSISKQKKHLKDLKLTLQRCKRHASREEAELVQQMAANIKERQDVFFDMEAYLPKKNGLYLNLVLGNVNVTLLS
NQAKFAYKDEYEKFKLYLTIILLLGAVACRFVLHYRVTDEVFNFLLVWYYCTLTIRESILISNGSRIKGWWVSHHYVSTF
LSGVMLTWPNGPIYQKFRNQFLAFSIFQSCVQFLQYYYQRGCLYRLRALGERNHLDLTVEGFQSWMWRGLTFLLPFLFCG
HFWQLYNAVTLFELSSHEECREWQVFVLAFTFLILFLGNFLTTLKVVHAKLQKNRGKTKQP
;
_entity_poly.pdbx_strand_id   A,B
#
# COMPACT_ATOMS: atom_id res chain seq x y z
N LEU A 287 -7.78 -24.70 43.83
CA LEU A 287 -7.93 -24.58 42.38
C LEU A 287 -9.38 -24.82 41.97
N GLU A 288 -10.23 -25.09 42.96
CA GLU A 288 -11.66 -25.25 42.70
C GLU A 288 -12.27 -23.94 42.21
N ARG A 289 -11.68 -22.81 42.62
CA ARG A 289 -12.07 -21.51 42.09
C ARG A 289 -11.93 -21.47 40.58
N CYS A 290 -10.83 -22.02 40.06
CA CYS A 290 -10.63 -22.10 38.61
C CYS A 290 -11.70 -22.97 37.96
N GLU A 291 -12.11 -24.04 38.64
CA GLU A 291 -13.13 -24.94 38.10
C GLU A 291 -14.49 -24.24 37.98
N ARG A 292 -14.89 -23.51 39.03
CA ARG A 292 -16.17 -22.79 38.97
C ARG A 292 -16.11 -21.65 37.96
N GLU A 293 -14.95 -20.98 37.89
CA GLU A 293 -14.75 -19.96 36.86
C GLU A 293 -14.87 -20.55 35.47
N TRP A 294 -14.33 -21.77 35.33
CA TRP A 294 -14.40 -22.53 34.05
C TRP A 294 -15.89 -22.75 33.72
N HIS A 295 -16.67 -23.17 34.72
CA HIS A 295 -18.11 -23.36 34.49
C HIS A 295 -18.76 -22.09 33.95
N GLU A 296 -18.42 -20.95 34.55
CA GLU A 296 -18.94 -19.66 34.08
C GLU A 296 -18.45 -19.36 32.66
N LEU A 297 -17.18 -19.66 32.38
CA LEU A 297 -16.64 -19.41 31.05
C LEU A 297 -17.19 -20.39 30.02
N GLU A 298 -17.62 -21.58 30.43
CA GLU A 298 -18.32 -22.46 29.50
C GLU A 298 -19.70 -21.92 29.15
N GLY A 299 -20.40 -21.38 30.15
CA GLY A 299 -21.66 -20.69 29.86
C GLY A 299 -21.47 -19.52 28.91
N GLU A 300 -20.48 -18.67 29.17
CA GLU A 300 -20.19 -17.56 28.27
C GLU A 300 -19.70 -18.07 26.91
N PHE A 301 -19.02 -19.22 26.89
CA PHE A 301 -18.53 -19.79 25.65
C PHE A 301 -19.68 -20.23 24.75
N GLN A 302 -20.69 -20.89 25.31
CA GLN A 302 -21.82 -21.29 24.48
C GLN A 302 -22.65 -20.06 24.07
N GLU A 303 -22.70 -19.03 24.92
CA GLU A 303 -23.32 -17.77 24.51
C GLU A 303 -22.60 -17.14 23.31
N LEU A 304 -21.27 -17.11 23.36
CA LEU A 304 -20.52 -16.54 22.23
C LEU A 304 -20.57 -17.44 21.00
N GLN A 305 -20.72 -18.75 21.18
CA GLN A 305 -20.96 -19.63 20.04
C GLN A 305 -22.29 -19.29 19.37
N GLU A 306 -23.32 -19.04 20.18
CA GLU A 306 -24.60 -18.59 19.66
C GLU A 306 -24.46 -17.30 18.87
N THR A 307 -23.77 -16.31 19.45
CA THR A 307 -23.61 -15.03 18.77
C THR A 307 -22.78 -15.17 17.50
N HIS A 308 -21.78 -16.07 17.51
CA HIS A 308 -20.93 -16.23 16.33
C HIS A 308 -21.70 -16.89 15.20
N ARG A 309 -22.58 -17.85 15.51
CA ARG A 309 -23.33 -18.48 14.43
C ARG A 309 -24.44 -17.54 13.91
N ILE A 310 -24.99 -16.69 14.79
CA ILE A 310 -25.85 -15.61 14.32
C ILE A 310 -25.08 -14.67 13.40
N TYR A 311 -23.83 -14.37 13.77
CA TYR A 311 -22.97 -13.50 12.97
C TYR A 311 -22.74 -14.11 11.59
N LYS A 312 -22.49 -15.41 11.52
CA LYS A 312 -22.28 -16.08 10.23
C LYS A 312 -23.55 -16.05 9.39
N GLN A 313 -24.71 -16.20 10.03
CA GLN A 313 -25.97 -16.06 9.31
C GLN A 313 -26.13 -14.65 8.72
N LYS A 314 -25.76 -13.64 9.51
CA LYS A 314 -25.80 -12.27 9.00
C LYS A 314 -24.82 -12.06 7.87
N LEU A 315 -23.65 -12.71 7.92
CA LEU A 315 -22.68 -12.61 6.84
C LEU A 315 -23.21 -13.20 5.55
N GLU A 316 -23.91 -14.34 5.63
CA GLU A 316 -24.53 -14.91 4.45
C GLU A 316 -25.61 -13.99 3.89
N GLU A 317 -26.39 -13.37 4.78
CA GLU A 317 -27.39 -12.41 4.32
C GLU A 317 -26.75 -11.20 3.66
N LEU A 318 -25.62 -10.73 4.20
CA LEU A 318 -24.88 -9.63 3.58
C LEU A 318 -24.40 -10.01 2.19
N ALA A 319 -23.90 -11.24 2.02
CA ALA A 319 -23.45 -11.69 0.71
C ALA A 319 -24.60 -11.71 -0.28
N ALA A 320 -25.78 -12.18 0.17
CA ALA A 320 -26.95 -12.20 -0.71
C ALA A 320 -27.36 -10.79 -1.12
N LEU A 321 -27.38 -9.85 -0.19
CA LEU A 321 -27.78 -8.48 -0.54
C LEU A 321 -26.70 -7.78 -1.37
N GLN A 322 -25.44 -8.17 -1.22
CA GLN A 322 -24.40 -7.63 -2.10
C GLN A 322 -24.59 -8.12 -3.53
N THR A 323 -24.95 -9.40 -3.70
CA THR A 323 -25.26 -9.89 -5.05
C THR A 323 -26.47 -9.16 -5.64
N LEU A 324 -27.51 -8.94 -4.81
CA LEU A 324 -28.68 -8.21 -5.27
C LEU A 324 -28.35 -6.78 -5.66
N CYS A 325 -27.50 -6.10 -4.88
CA CYS A 325 -27.18 -4.72 -5.17
C CYS A 325 -26.27 -4.62 -6.40
N SER A 326 -25.43 -5.64 -6.63
CA SER A 326 -24.65 -5.66 -7.86
C SER A 326 -25.54 -5.81 -9.09
N SER A 327 -26.57 -6.68 -8.98
CA SER A 327 -27.55 -6.77 -10.05
C SER A 327 -28.28 -5.44 -10.25
N SER A 328 -28.56 -4.74 -9.15
CA SER A 328 -29.17 -3.42 -9.22
C SER A 328 -28.26 -2.43 -9.94
N ILE A 329 -26.95 -2.49 -9.67
CA ILE A 329 -25.98 -1.64 -10.36
C ILE A 329 -26.06 -1.88 -11.86
N SER A 330 -26.05 -3.15 -12.26
CA SER A 330 -26.08 -3.51 -13.68
C SER A 330 -27.33 -2.97 -14.36
N LYS A 331 -28.50 -3.25 -13.78
CA LYS A 331 -29.75 -2.82 -14.41
C LYS A 331 -29.89 -1.30 -14.39
N GLN A 332 -29.40 -0.64 -13.33
CA GLN A 332 -29.52 0.81 -13.25
C GLN A 332 -28.65 1.50 -14.29
N LYS A 333 -27.40 1.03 -14.45
CA LYS A 333 -26.52 1.64 -15.46
C LYS A 333 -27.00 1.35 -16.86
N LYS A 334 -27.58 0.16 -17.08
CA LYS A 334 -28.15 -0.16 -18.39
C LYS A 334 -29.31 0.75 -18.73
N HIS A 335 -30.22 0.98 -17.77
CA HIS A 335 -31.34 1.87 -18.02
C HIS A 335 -30.88 3.32 -18.14
N LEU A 336 -29.80 3.68 -17.43
CA LEU A 336 -29.23 5.01 -17.58
C LEU A 336 -28.70 5.25 -18.98
N LYS A 337 -27.94 4.30 -19.53
CA LYS A 337 -27.41 4.55 -20.87
C LYS A 337 -28.53 4.53 -21.91
N ASP A 338 -29.54 3.66 -21.73
CA ASP A 338 -30.69 3.67 -22.62
C ASP A 338 -31.43 5.01 -22.58
N LEU A 339 -31.63 5.55 -21.38
CA LEU A 339 -32.43 6.76 -21.25
C LEU A 339 -31.66 7.99 -21.72
N LYS A 340 -30.34 8.02 -21.54
CA LYS A 340 -29.62 9.15 -22.09
C LYS A 340 -29.49 9.05 -23.61
N LEU A 341 -29.52 7.82 -24.16
CA LEU A 341 -29.67 7.69 -25.61
C LEU A 341 -31.01 8.22 -26.09
N THR A 342 -32.08 7.95 -25.34
CA THR A 342 -33.39 8.49 -25.70
C THR A 342 -33.39 10.01 -25.66
N LEU A 343 -32.77 10.59 -24.62
CA LEU A 343 -32.66 12.05 -24.55
C LEU A 343 -31.77 12.59 -25.67
N GLN A 344 -30.79 11.81 -26.12
CA GLN A 344 -29.92 12.27 -27.20
C GLN A 344 -30.65 12.35 -28.53
N ARG A 345 -31.39 11.29 -28.92
CA ARG A 345 -32.01 11.36 -30.23
C ARG A 345 -33.36 12.09 -30.16
N CYS A 346 -33.85 12.35 -28.95
CA CYS A 346 -35.03 13.19 -28.79
C CYS A 346 -34.69 14.68 -28.79
N LYS A 347 -33.41 15.03 -28.76
CA LYS A 347 -32.98 16.41 -28.62
C LYS A 347 -33.26 17.25 -29.87
N ARG A 348 -33.48 16.61 -31.02
CA ARG A 348 -33.74 17.32 -32.26
C ARG A 348 -35.03 18.13 -32.18
N HIS A 349 -35.09 19.19 -32.99
CA HIS A 349 -36.15 20.18 -32.87
C HIS A 349 -37.49 19.64 -33.34
N ALA A 350 -38.51 19.87 -32.53
CA ALA A 350 -39.89 19.53 -32.86
C ALA A 350 -40.80 20.51 -32.13
N SER A 351 -42.07 20.10 -31.96
CA SER A 351 -43.10 20.92 -31.36
C SER A 351 -42.75 21.40 -29.95
N ARG A 352 -43.47 22.42 -29.49
CA ARG A 352 -43.17 23.07 -28.21
C ARG A 352 -43.48 22.15 -27.03
N GLU A 353 -44.46 21.24 -27.19
CA GLU A 353 -44.82 20.35 -26.10
C GLU A 353 -43.70 19.36 -25.78
N GLU A 354 -43.09 18.78 -26.82
CA GLU A 354 -41.98 17.88 -26.55
C GLU A 354 -40.74 18.65 -26.12
N ALA A 355 -40.65 19.94 -26.49
CA ALA A 355 -39.57 20.77 -25.99
C ALA A 355 -39.67 20.97 -24.48
N GLU A 356 -40.89 21.23 -23.99
CA GLU A 356 -41.13 21.26 -22.55
C GLU A 356 -40.83 19.90 -21.92
N LEU A 357 -41.18 18.82 -22.62
CA LEU A 357 -40.89 17.47 -22.12
C LEU A 357 -39.39 17.21 -22.04
N VAL A 358 -38.62 17.69 -23.02
CA VAL A 358 -37.17 17.48 -23.02
C VAL A 358 -36.51 18.29 -21.90
N GLN A 359 -36.93 19.53 -21.70
CA GLN A 359 -36.37 20.33 -20.60
C GLN A 359 -36.72 19.71 -19.24
N GLN A 360 -37.98 19.27 -19.10
CA GLN A 360 -38.43 18.63 -17.87
C GLN A 360 -37.67 17.33 -17.60
N MET A 361 -37.46 16.53 -18.65
CA MET A 361 -36.68 15.30 -18.49
C MET A 361 -35.21 15.60 -18.26
N ALA A 362 -34.72 16.75 -18.73
CA ALA A 362 -33.34 17.12 -18.44
C ALA A 362 -33.16 17.45 -16.96
N ALA A 363 -34.10 18.19 -16.39
CA ALA A 363 -34.06 18.45 -14.95
C ALA A 363 -34.16 17.14 -14.16
N ASN A 364 -35.07 16.25 -14.57
CA ASN A 364 -35.17 14.98 -13.88
C ASN A 364 -33.91 14.12 -14.06
N ILE A 365 -33.29 14.14 -15.23
CA ILE A 365 -32.13 13.27 -15.43
C ILE A 365 -30.95 13.77 -14.63
N LYS A 366 -30.85 15.09 -14.43
CA LYS A 366 -29.88 15.61 -13.47
C LYS A 366 -30.17 15.10 -12.06
N GLU A 367 -31.46 15.07 -11.69
CA GLU A 367 -31.85 14.48 -10.41
C GLU A 367 -31.51 12.98 -10.35
N ARG A 368 -31.66 12.30 -11.49
CA ARG A 368 -31.35 10.85 -11.60
C ARG A 368 -29.87 10.63 -11.27
N GLN A 369 -28.97 11.38 -11.92
CA GLN A 369 -27.55 11.24 -11.68
C GLN A 369 -27.16 11.61 -10.25
N ASP A 370 -27.76 12.67 -9.67
CA ASP A 370 -27.43 13.00 -8.28
C ASP A 370 -27.80 11.87 -7.32
N VAL A 371 -29.01 11.32 -7.47
CA VAL A 371 -29.47 10.32 -6.51
C VAL A 371 -28.70 9.01 -6.67
N PHE A 372 -28.42 8.62 -7.93
CA PHE A 372 -27.64 7.41 -8.14
C PHE A 372 -26.18 7.61 -7.76
N PHE A 373 -25.67 8.84 -7.82
CA PHE A 373 -24.37 9.12 -7.22
C PHE A 373 -24.40 8.88 -5.72
N ASP A 374 -25.52 9.22 -5.07
CA ASP A 374 -25.62 8.95 -3.63
C ASP A 374 -25.57 7.46 -3.31
N MET A 375 -26.43 6.65 -3.96
CA MET A 375 -26.38 5.23 -3.59
C MET A 375 -25.17 4.52 -4.18
N GLU A 376 -24.52 5.10 -5.20
CA GLU A 376 -23.27 4.51 -5.63
C GLU A 376 -22.12 4.99 -4.77
N ALA A 377 -22.35 5.97 -3.89
CA ALA A 377 -21.29 6.41 -2.94
C ALA A 377 -21.22 5.41 -1.77
N TYR A 378 -22.35 5.18 -1.09
CA TYR A 378 -22.38 4.27 0.09
C TYR A 378 -22.03 2.84 -0.33
N LEU A 379 -22.50 2.40 -1.50
CA LEU A 379 -22.28 0.98 -1.93
C LEU A 379 -20.80 0.63 -1.99
N PRO A 380 -20.38 -0.56 -1.49
CA PRO A 380 -18.98 -1.00 -1.60
C PRO A 380 -18.63 -1.17 -3.09
N LYS A 381 -17.44 -0.76 -3.50
CA LYS A 381 -17.15 -0.77 -4.96
C LYS A 381 -15.81 -1.38 -5.34
N LYS A 382 -15.72 -2.02 -6.52
CA LYS A 382 -14.48 -2.54 -7.08
C LYS A 382 -13.42 -1.45 -7.18
N ASN A 383 -12.16 -1.83 -6.95
CA ASN A 383 -11.04 -0.90 -6.93
C ASN A 383 -10.62 -0.48 -8.34
N GLY A 384 -9.69 0.47 -8.39
CA GLY A 384 -9.16 0.92 -9.66
C GLY A 384 -8.12 -0.04 -10.21
N LEU A 385 -7.12 0.54 -10.91
CA LEU A 385 -6.09 -0.31 -11.51
C LEU A 385 -4.81 -0.30 -10.68
N TYR A 386 -4.36 0.88 -10.24
CA TYR A 386 -3.10 0.96 -9.52
C TYR A 386 -3.19 0.30 -8.15
N LEU A 387 -4.29 0.54 -7.45
CA LEU A 387 -4.50 -0.13 -6.17
C LEU A 387 -4.67 -1.63 -6.36
N ASN A 388 -5.25 -2.05 -7.49
CA ASN A 388 -5.32 -3.47 -7.82
C ASN A 388 -3.92 -4.03 -8.04
N LEU A 389 -3.02 -3.23 -8.61
CA LEU A 389 -1.69 -3.72 -8.91
C LEU A 389 -0.82 -3.78 -7.66
N VAL A 390 -1.10 -2.94 -6.66
CA VAL A 390 -0.29 -2.97 -5.44
C VAL A 390 -0.90 -3.87 -4.38
N LEU A 391 -2.12 -3.54 -3.92
CA LEU A 391 -2.75 -4.28 -2.84
C LEU A 391 -3.47 -5.54 -3.29
N GLY A 392 -3.60 -5.77 -4.58
CA GLY A 392 -4.36 -6.92 -5.03
C GLY A 392 -5.85 -6.74 -4.84
N ASN A 393 -6.58 -7.84 -5.00
CA ASN A 393 -8.02 -7.82 -4.86
C ASN A 393 -8.39 -7.80 -3.38
N VAL A 394 -8.63 -6.61 -2.84
CA VAL A 394 -9.07 -6.46 -1.46
C VAL A 394 -9.99 -5.26 -1.39
N ASN A 395 -10.99 -5.34 -0.51
CA ASN A 395 -12.03 -4.31 -0.40
C ASN A 395 -11.60 -3.26 0.61
N VAL A 396 -11.48 -2.01 0.17
CA VAL A 396 -11.05 -0.92 1.03
C VAL A 396 -12.11 0.15 1.17
N THR A 397 -13.36 -0.16 0.84
CA THR A 397 -14.44 0.86 0.88
C THR A 397 -14.98 1.00 2.31
N LEU A 398 -14.76 2.14 2.96
CA LEU A 398 -15.30 2.38 4.32
C LEU A 398 -16.82 2.35 4.25
N LEU A 399 -17.42 3.01 3.24
CA LEU A 399 -18.89 3.00 3.01
C LEU A 399 -19.64 3.83 4.06
N SER A 400 -18.91 4.57 4.90
CA SER A 400 -19.55 5.35 5.99
C SER A 400 -19.12 6.83 5.92
N ASN A 401 -20.08 7.75 5.98
CA ASN A 401 -19.78 9.21 5.86
C ASN A 401 -18.79 9.63 6.95
N GLN A 402 -19.07 9.31 8.22
CA GLN A 402 -18.21 9.74 9.32
C GLN A 402 -16.85 9.04 9.26
N ALA A 403 -16.82 7.80 8.78
CA ALA A 403 -15.56 7.09 8.61
C ALA A 403 -14.71 7.76 7.53
N LYS A 404 -15.36 8.19 6.44
CA LYS A 404 -14.64 8.95 5.40
C LYS A 404 -14.10 10.26 5.95
N PHE A 405 -14.89 10.94 6.78
CA PHE A 405 -14.43 12.20 7.38
C PHE A 405 -13.23 11.98 8.30
N ALA A 406 -13.28 10.91 9.10
CA ALA A 406 -12.17 10.59 9.98
C ALA A 406 -10.92 10.21 9.18
N TYR A 407 -11.10 9.47 8.09
CA TYR A 407 -9.96 9.10 7.26
C TYR A 407 -9.36 10.32 6.59
N LYS A 408 -10.20 11.29 6.20
CA LYS A 408 -9.69 12.54 5.64
C LYS A 408 -8.88 13.32 6.67
N ASP A 409 -9.36 13.37 7.92
CA ASP A 409 -8.59 14.03 8.97
C ASP A 409 -7.26 13.34 9.21
N GLU A 410 -7.25 12.00 9.21
CA GLU A 410 -6.00 11.27 9.37
C GLU A 410 -5.03 11.56 8.23
N TYR A 411 -5.55 11.65 7.01
CA TYR A 411 -4.72 11.93 5.85
C TYR A 411 -4.10 13.31 5.93
N GLU A 412 -4.90 14.29 6.38
CA GLU A 412 -4.42 15.69 6.54
C GLU A 412 -3.33 15.73 7.62
N LYS A 413 -3.51 15.00 8.72
CA LYS A 413 -2.53 14.97 9.80
C LYS A 413 -1.21 14.34 9.34
N PHE A 414 -1.29 13.23 8.58
CA PHE A 414 -0.10 12.59 8.06
C PHE A 414 0.66 13.51 7.12
N LYS A 415 -0.08 14.23 6.26
CA LYS A 415 0.56 15.15 5.32
C LYS A 415 1.30 16.27 6.05
N LEU A 416 0.66 16.84 7.09
CA LEU A 416 1.33 17.90 7.85
C LEU A 416 2.58 17.39 8.56
N TYR A 417 2.50 16.19 9.15
CA TYR A 417 3.65 15.67 9.89
C TYR A 417 4.85 15.43 8.98
N LEU A 418 4.63 14.78 7.84
CA LEU A 418 5.77 14.50 6.99
C LEU A 418 6.24 15.73 6.22
N THR A 419 5.38 16.73 6.02
CA THR A 419 5.92 17.95 5.41
C THR A 419 6.73 18.73 6.45
N ILE A 420 6.44 18.56 7.74
CA ILE A 420 7.31 19.13 8.77
C ILE A 420 8.68 18.46 8.76
N ILE A 421 8.69 17.13 8.66
CA ILE A 421 9.98 16.41 8.62
C ILE A 421 10.78 16.81 7.38
N LEU A 422 10.11 16.91 6.23
CA LEU A 422 10.80 17.32 5.01
C LEU A 422 11.33 18.74 5.08
N LEU A 423 10.58 19.66 5.70
CA LEU A 423 11.05 21.04 5.82
C LEU A 423 12.29 21.13 6.69
N LEU A 424 12.26 20.42 7.83
CA LEU A 424 13.41 20.41 8.77
C LEU A 424 14.59 19.68 8.13
N GLY A 425 14.43 19.26 6.88
CA GLY A 425 15.50 18.54 6.14
C GLY A 425 15.96 19.32 4.93
N ALA A 426 15.05 20.04 4.28
CA ALA A 426 15.38 20.85 3.08
C ALA A 426 16.29 22.02 3.48
N VAL A 427 15.77 22.93 4.30
CA VAL A 427 16.55 24.12 4.77
C VAL A 427 17.70 23.64 5.65
N ALA A 428 17.57 22.44 6.23
CA ALA A 428 18.60 21.86 7.11
C ALA A 428 19.79 21.37 6.25
N CYS A 429 19.52 20.47 5.31
CA CYS A 429 20.59 19.93 4.43
C CYS A 429 21.32 21.08 3.73
N ARG A 430 20.57 22.11 3.30
CA ARG A 430 21.15 23.26 2.62
C ARG A 430 22.17 23.96 3.51
N PHE A 431 21.89 24.10 4.82
CA PHE A 431 22.78 24.91 5.70
C PHE A 431 23.81 24.19 6.58
N VAL A 432 23.66 22.92 6.97
CA VAL A 432 24.67 22.37 7.88
C VAL A 432 25.50 21.29 7.19
N LEU A 433 24.86 20.24 6.70
CA LEU A 433 25.59 19.09 6.19
C LEU A 433 25.63 19.12 4.67
N HIS A 434 26.81 19.40 4.12
CA HIS A 434 27.03 19.35 2.68
C HIS A 434 27.77 18.06 2.35
N TYR A 435 27.06 16.95 2.34
CA TYR A 435 27.63 15.67 1.94
C TYR A 435 26.64 14.95 1.03
N ARG A 436 27.15 13.98 0.27
CA ARG A 436 26.34 13.27 -0.71
C ARG A 436 25.36 12.32 -0.03
N VAL A 437 25.78 11.65 1.04
CA VAL A 437 24.97 10.59 1.63
C VAL A 437 23.68 11.14 2.24
N THR A 438 23.75 12.33 2.85
CA THR A 438 22.54 12.88 3.46
C THR A 438 21.55 13.33 2.39
N ASP A 439 22.04 13.77 1.24
CA ASP A 439 21.14 14.14 0.17
C ASP A 439 20.51 12.89 -0.44
N GLU A 440 21.25 11.78 -0.48
CA GLU A 440 20.66 10.52 -0.91
C GLU A 440 19.55 10.08 0.05
N VAL A 441 19.78 10.24 1.36
CA VAL A 441 18.77 9.84 2.35
C VAL A 441 17.53 10.71 2.23
N PHE A 442 17.74 12.02 2.03
CA PHE A 442 16.62 12.93 1.85
C PHE A 442 15.82 12.60 0.59
N ASN A 443 16.50 12.20 -0.50
CA ASN A 443 15.78 11.84 -1.71
C ASN A 443 15.03 10.52 -1.55
N PHE A 444 15.60 9.57 -0.80
CA PHE A 444 14.84 8.37 -0.45
C PHE A 444 13.57 8.72 0.34
N LEU A 445 13.67 9.65 1.28
CA LEU A 445 12.50 10.02 2.06
C LEU A 445 11.45 10.71 1.18
N LEU A 446 11.88 11.53 0.22
CA LEU A 446 10.93 12.19 -0.65
C LEU A 446 10.22 11.21 -1.59
N VAL A 447 10.97 10.25 -2.16
CA VAL A 447 10.33 9.30 -3.08
C VAL A 447 9.39 8.36 -2.32
N TRP A 448 9.78 7.95 -1.11
CA TRP A 448 8.90 7.14 -0.26
C TRP A 448 7.64 7.91 0.11
N TYR A 449 7.79 9.19 0.42
CA TYR A 449 6.65 10.02 0.79
C TYR A 449 5.68 10.15 -0.37
N TYR A 450 6.20 10.34 -1.58
CA TYR A 450 5.33 10.48 -2.75
C TYR A 450 4.59 9.20 -3.08
N CYS A 451 5.25 8.04 -2.93
CA CYS A 451 4.55 6.78 -3.15
C CYS A 451 3.45 6.56 -2.10
N THR A 452 3.72 6.93 -0.84
CA THR A 452 2.68 6.78 0.18
C THR A 452 1.49 7.70 -0.09
N LEU A 453 1.74 8.93 -0.55
CA LEU A 453 0.64 9.82 -0.94
C LEU A 453 -0.14 9.29 -2.13
N THR A 454 0.51 8.66 -3.11
CA THR A 454 -0.30 8.20 -4.23
C THR A 454 -1.14 6.98 -3.87
N ILE A 455 -0.65 6.13 -2.96
CA ILE A 455 -1.50 5.05 -2.46
C ILE A 455 -2.67 5.59 -1.65
N ARG A 456 -2.40 6.57 -0.78
CA ARG A 456 -3.46 7.17 0.03
C ARG A 456 -4.53 7.84 -0.82
N GLU A 457 -4.12 8.57 -1.86
CA GLU A 457 -5.09 9.24 -2.70
C GLU A 457 -5.84 8.26 -3.59
N SER A 458 -5.22 7.12 -3.93
CA SER A 458 -5.97 6.08 -4.63
C SER A 458 -7.07 5.51 -3.74
N ILE A 459 -6.75 5.27 -2.46
CA ILE A 459 -7.77 4.86 -1.50
C ILE A 459 -8.86 5.91 -1.37
N LEU A 460 -8.47 7.19 -1.34
CA LEU A 460 -9.42 8.28 -1.15
C LEU A 460 -10.36 8.43 -2.33
N ILE A 461 -9.84 8.27 -3.56
CA ILE A 461 -10.69 8.36 -4.75
C ILE A 461 -11.61 7.15 -4.83
N SER A 462 -11.08 5.96 -4.53
CA SER A 462 -11.93 4.76 -4.60
C SER A 462 -12.92 4.71 -3.44
N ASN A 463 -12.71 5.56 -2.42
CA ASN A 463 -13.62 5.57 -1.28
C ASN A 463 -14.75 6.57 -1.48
N GLY A 464 -14.40 7.82 -1.78
CA GLY A 464 -15.35 8.92 -1.77
C GLY A 464 -15.30 9.84 -2.95
N SER A 465 -15.04 11.12 -2.68
CA SER A 465 -15.15 12.19 -3.67
C SER A 465 -14.11 12.03 -4.78
N ARG A 466 -14.44 12.62 -5.93
CA ARG A 466 -13.55 12.57 -7.08
C ARG A 466 -12.59 13.76 -7.06
N ILE A 467 -11.35 13.50 -6.67
CA ILE A 467 -10.26 14.46 -6.83
C ILE A 467 -9.40 14.11 -8.03
N LYS A 468 -9.94 13.32 -8.97
CA LYS A 468 -9.20 12.93 -10.15
C LYS A 468 -8.99 14.12 -11.06
N GLY A 469 -7.79 14.23 -11.62
CA GLY A 469 -7.47 15.32 -12.50
C GLY A 469 -5.97 15.38 -12.74
N TRP A 470 -5.42 16.58 -12.54
CA TRP A 470 -4.00 16.77 -12.70
C TRP A 470 -3.21 16.17 -11.55
N TRP A 471 -3.86 15.99 -10.38
CA TRP A 471 -3.13 15.86 -9.12
C TRP A 471 -2.41 14.52 -8.99
N VAL A 472 -3.08 13.42 -9.35
CA VAL A 472 -2.44 12.12 -9.19
C VAL A 472 -1.30 11.95 -10.21
N SER A 473 -1.49 12.45 -11.44
CA SER A 473 -0.42 12.44 -12.41
C SER A 473 0.70 13.39 -12.00
N HIS A 474 0.34 14.48 -11.30
CA HIS A 474 1.34 15.37 -10.73
C HIS A 474 2.21 14.64 -9.72
N HIS A 475 1.61 13.81 -8.87
CA HIS A 475 2.40 13.07 -7.90
C HIS A 475 3.28 12.03 -8.58
N TYR A 476 2.79 11.41 -9.66
CA TYR A 476 3.62 10.44 -10.38
C TYR A 476 4.83 11.11 -11.03
N VAL A 477 4.61 12.25 -11.69
CA VAL A 477 5.76 12.89 -12.34
C VAL A 477 6.69 13.50 -11.31
N SER A 478 6.17 13.87 -10.14
CA SER A 478 7.05 14.43 -9.12
C SER A 478 7.90 13.34 -8.46
N THR A 479 7.35 12.13 -8.30
CA THR A 479 8.19 11.07 -7.76
C THR A 479 9.21 10.60 -8.79
N PHE A 480 8.88 10.71 -10.08
CA PHE A 480 9.90 10.51 -11.12
C PHE A 480 11.00 11.56 -11.02
N LEU A 481 10.62 12.80 -10.72
CA LEU A 481 11.60 13.87 -10.58
C LEU A 481 12.55 13.59 -9.42
N SER A 482 12.00 13.16 -8.27
CA SER A 482 12.86 12.82 -7.10
C SER A 482 13.98 11.86 -7.54
N GLY A 483 13.65 10.81 -8.27
CA GLY A 483 14.65 9.78 -8.65
C GLY A 483 15.80 10.30 -9.50
N VAL A 484 15.52 11.17 -10.48
CA VAL A 484 16.59 11.63 -11.42
C VAL A 484 17.69 12.39 -10.66
N MET A 485 17.30 13.21 -9.67
CA MET A 485 18.29 14.02 -8.89
C MET A 485 19.24 13.07 -8.15
N LEU A 486 18.72 11.97 -7.62
CA LEU A 486 19.53 11.04 -6.79
C LEU A 486 20.71 10.41 -7.55
N THR A 487 20.56 10.02 -8.82
CA THR A 487 21.64 9.27 -9.50
C THR A 487 22.59 10.12 -10.36
N TRP A 488 22.88 11.37 -9.98
CA TRP A 488 23.82 12.21 -10.71
C TRP A 488 25.24 11.79 -10.33
N PRO A 489 26.23 12.02 -11.20
CA PRO A 489 27.57 11.49 -10.88
C PRO A 489 28.40 12.41 -9.99
N ASN A 490 27.77 13.36 -9.30
CA ASN A 490 28.37 14.17 -8.24
C ASN A 490 29.55 15.00 -8.74
N GLY A 491 29.47 15.51 -9.97
CA GLY A 491 30.47 16.42 -10.46
C GLY A 491 30.28 17.81 -9.89
N PRO A 492 30.98 18.79 -10.49
CA PRO A 492 30.74 20.19 -10.09
C PRO A 492 29.33 20.66 -10.39
N ILE A 493 28.71 20.09 -11.44
CA ILE A 493 27.43 20.58 -11.92
C ILE A 493 26.33 20.30 -10.91
N TYR A 494 26.39 19.14 -10.26
CA TYR A 494 25.46 18.86 -9.17
C TYR A 494 25.69 19.82 -8.01
N GLN A 495 26.95 20.16 -7.77
CA GLN A 495 27.28 21.10 -6.71
C GLN A 495 26.82 22.51 -7.05
N LYS A 496 26.43 22.75 -8.30
CA LYS A 496 25.84 24.05 -8.62
C LYS A 496 24.32 24.01 -8.58
N PHE A 497 23.72 22.91 -9.04
CA PHE A 497 22.26 22.81 -9.09
C PHE A 497 21.61 22.52 -7.74
N ARG A 498 22.42 22.11 -6.76
CA ARG A 498 21.91 21.72 -5.46
C ARG A 498 21.20 22.86 -4.73
N ASN A 499 21.76 24.06 -4.79
CA ASN A 499 21.22 25.17 -4.00
C ASN A 499 19.83 25.58 -4.47
N GLN A 500 19.64 25.72 -5.78
CA GLN A 500 18.34 26.05 -6.31
C GLN A 500 17.33 24.94 -6.04
N PHE A 501 17.77 23.67 -6.12
CA PHE A 501 16.81 22.61 -5.81
C PHE A 501 16.36 22.65 -4.35
N LEU A 502 17.27 22.94 -3.43
CA LEU A 502 16.87 22.95 -2.02
C LEU A 502 15.99 24.16 -1.70
N ALA A 503 16.27 25.32 -2.29
CA ALA A 503 15.39 26.47 -2.06
C ALA A 503 14.00 26.21 -2.63
N PHE A 504 13.94 25.53 -3.78
CA PHE A 504 12.65 25.20 -4.44
C PHE A 504 11.84 24.27 -3.52
N SER A 505 12.53 23.34 -2.85
CA SER A 505 11.88 22.39 -1.93
C SER A 505 11.28 23.16 -0.76
N ILE A 506 12.02 24.14 -0.22
CA ILE A 506 11.54 24.98 0.92
C ILE A 506 10.25 25.68 0.49
N PHE A 507 10.21 26.19 -0.75
CA PHE A 507 9.02 26.89 -1.28
C PHE A 507 7.85 25.89 -1.37
N GLN A 508 8.15 24.66 -1.79
CA GLN A 508 7.13 23.62 -1.90
C GLN A 508 6.60 23.22 -0.53
N SER A 509 7.48 23.08 0.46
CA SER A 509 7.03 22.73 1.80
C SER A 509 6.17 23.82 2.40
N CYS A 510 6.53 25.09 2.19
CA CYS A 510 5.74 26.18 2.76
C CYS A 510 4.36 26.26 2.11
N VAL A 511 4.29 26.04 0.79
CA VAL A 511 3.00 26.07 0.09
C VAL A 511 2.10 24.93 0.56
N GLN A 512 2.65 23.72 0.71
CA GLN A 512 1.82 22.61 1.18
C GLN A 512 1.37 22.83 2.63
N PHE A 513 2.23 23.44 3.46
CA PHE A 513 1.86 23.73 4.84
C PHE A 513 0.71 24.74 4.91
N LEU A 514 0.81 25.83 4.14
CA LEU A 514 -0.25 26.83 4.17
C LEU A 514 -1.51 26.32 3.47
N GLN A 515 -1.32 25.34 2.58
CA GLN A 515 -2.45 24.74 1.82
C GLN A 515 -3.23 23.80 2.74
N TYR A 516 -2.66 23.47 3.90
CA TYR A 516 -3.32 22.56 4.88
C TYR A 516 -4.04 23.39 5.95
N TYR A 517 -3.34 24.40 6.48
CA TYR A 517 -3.92 25.29 7.52
C TYR A 517 -5.28 25.82 7.06
N TYR A 518 -5.57 25.67 5.77
CA TYR A 518 -6.87 26.13 5.19
C TYR A 518 -7.78 24.91 4.94
N GLN A 519 -7.19 23.80 4.52
CA GLN A 519 -7.95 22.55 4.24
C GLN A 519 -9.02 22.84 3.18
N PHE A 552 -4.58 34.66 -1.11
CA PHE A 552 -3.63 34.25 -0.10
C PHE A 552 -2.80 33.06 -0.56
N LEU A 553 -3.48 31.91 -0.69
CA LEU A 553 -2.82 30.71 -1.20
C LEU A 553 -2.47 30.88 -2.67
N LEU A 554 -3.31 31.59 -3.43
CA LEU A 554 -3.09 31.76 -4.87
C LEU A 554 -1.83 32.55 -5.22
N PRO A 555 -1.50 33.71 -4.62
CA PRO A 555 -0.25 34.39 -5.02
C PRO A 555 1.02 33.61 -4.73
N PHE A 556 1.07 32.89 -3.60
CA PHE A 556 2.25 32.08 -3.33
C PHE A 556 2.31 30.88 -4.27
N LEU A 557 1.16 30.42 -4.74
CA LEU A 557 1.13 29.34 -5.72
C LEU A 557 1.66 29.82 -7.08
N PHE A 558 1.29 31.05 -7.46
CA PHE A 558 1.86 31.66 -8.66
C PHE A 558 3.36 31.85 -8.53
N CYS A 559 3.83 32.28 -7.37
CA CYS A 559 5.26 32.46 -7.16
C CYS A 559 5.99 31.12 -7.17
N GLY A 560 5.32 30.06 -6.69
CA GLY A 560 5.88 28.73 -6.82
C GLY A 560 6.03 28.30 -8.26
N HIS A 561 5.02 28.60 -9.09
CA HIS A 561 5.13 28.32 -10.52
C HIS A 561 6.28 29.10 -11.17
N PHE A 562 6.45 30.36 -10.78
CA PHE A 562 7.51 31.15 -11.40
C PHE A 562 8.90 30.74 -10.92
N TRP A 563 9.00 30.28 -9.66
CA TRP A 563 10.25 29.72 -9.17
C TRP A 563 10.58 28.43 -9.90
N GLN A 564 9.54 27.65 -10.20
CA GLN A 564 9.71 26.44 -11.00
C GLN A 564 10.19 26.78 -12.41
N LEU A 565 9.67 27.87 -12.97
CA LEU A 565 10.13 28.33 -14.28
C LEU A 565 11.58 28.80 -14.22
N TYR A 566 11.94 29.42 -13.10
CA TYR A 566 13.33 29.90 -12.88
C TYR A 566 14.26 28.68 -12.95
N ASN A 567 13.92 27.64 -12.19
CA ASN A 567 14.71 26.40 -12.20
C ASN A 567 14.78 25.80 -13.59
N ALA A 568 13.66 25.77 -14.32
CA ALA A 568 13.63 25.17 -15.64
C ALA A 568 14.54 25.91 -16.61
N VAL A 569 14.47 27.24 -16.62
CA VAL A 569 15.27 28.03 -17.55
C VAL A 569 16.76 27.94 -17.18
N THR A 570 17.07 28.01 -15.89
CA THR A 570 18.46 27.93 -15.46
C THR A 570 19.09 26.59 -15.82
N LEU A 571 18.37 25.49 -15.60
CA LEU A 571 18.95 24.19 -15.91
C LEU A 571 19.01 23.95 -17.42
N PHE A 572 18.02 24.45 -18.17
CA PHE A 572 18.04 24.32 -19.63
C PHE A 572 19.21 25.08 -20.23
N GLU A 573 19.51 26.27 -19.69
CA GLU A 573 20.70 26.99 -20.14
C GLU A 573 21.97 26.30 -19.66
N LEU A 574 21.89 25.62 -18.50
CA LEU A 574 23.05 24.91 -17.96
C LEU A 574 23.45 23.74 -18.85
N SER A 575 22.46 23.10 -19.51
CA SER A 575 22.78 21.98 -20.39
C SER A 575 23.66 22.39 -21.57
N SER A 576 23.58 23.67 -21.97
CA SER A 576 24.38 24.13 -23.11
C SER A 576 25.74 24.65 -22.65
N HIS A 577 25.83 25.12 -21.41
CA HIS A 577 27.03 25.86 -20.96
C HIS A 577 28.25 24.95 -20.86
N GLU A 578 28.11 23.80 -20.20
CA GLU A 578 29.25 22.91 -20.02
C GLU A 578 29.57 22.19 -21.33
N GLU A 579 30.86 21.94 -21.54
CA GLU A 579 31.32 21.30 -22.78
C GLU A 579 30.79 19.88 -22.91
N CYS A 580 30.79 19.12 -21.82
CA CYS A 580 30.28 17.74 -21.81
C CYS A 580 29.11 17.65 -20.85
N ARG A 581 28.01 17.06 -21.32
CA ARG A 581 26.79 16.95 -20.53
C ARG A 581 26.49 15.49 -20.23
N GLU A 582 26.08 15.22 -18.99
CA GLU A 582 25.45 13.95 -18.68
C GLU A 582 24.06 13.90 -19.32
N TRP A 583 23.48 12.71 -19.35
CA TRP A 583 22.12 12.60 -19.87
C TRP A 583 21.11 13.02 -18.81
N GLN A 584 21.57 13.31 -17.60
CA GLN A 584 20.63 13.53 -16.50
C GLN A 584 20.44 15.01 -16.18
N VAL A 585 21.11 15.91 -16.91
CA VAL A 585 20.82 17.33 -16.76
C VAL A 585 19.79 17.77 -17.79
N PHE A 586 19.48 16.89 -18.74
CA PHE A 586 18.57 17.28 -19.81
C PHE A 586 17.30 16.45 -19.79
N VAL A 587 17.31 15.33 -19.05
CA VAL A 587 16.06 14.63 -18.82
C VAL A 587 15.38 15.20 -17.58
N LEU A 588 16.09 16.05 -16.85
CA LEU A 588 15.57 16.50 -15.57
C LEU A 588 14.93 17.87 -15.71
N ALA A 589 15.40 18.68 -16.66
CA ALA A 589 14.84 20.01 -16.86
C ALA A 589 13.42 19.92 -17.39
N PHE A 590 13.16 18.94 -18.26
CA PHE A 590 11.86 18.88 -18.92
C PHE A 590 10.80 18.32 -17.99
N THR A 591 11.22 17.67 -16.91
CA THR A 591 10.28 17.32 -15.85
C THR A 591 9.80 18.59 -15.14
N PHE A 592 10.70 19.54 -14.92
CA PHE A 592 10.31 20.81 -14.32
C PHE A 592 9.37 21.60 -15.23
N LEU A 593 9.59 21.51 -16.55
CA LEU A 593 8.76 22.29 -17.46
C LEU A 593 7.37 21.71 -17.58
N ILE A 594 7.25 20.38 -17.59
CA ILE A 594 5.93 19.75 -17.57
C ILE A 594 5.22 20.05 -16.26
N LEU A 595 5.97 20.10 -15.16
CA LEU A 595 5.37 20.42 -13.88
C LEU A 595 5.11 21.92 -13.74
N PHE A 596 5.45 22.71 -14.76
CA PHE A 596 5.05 24.11 -14.75
C PHE A 596 3.75 24.32 -15.51
N LEU A 597 3.67 23.79 -16.73
CA LEU A 597 2.51 24.02 -17.58
C LEU A 597 1.27 23.31 -17.02
N GLY A 598 1.48 22.30 -16.20
CA GLY A 598 0.35 21.54 -15.68
C GLY A 598 -0.33 22.24 -14.51
N ASN A 599 0.43 22.55 -13.46
CA ASN A 599 -0.18 23.04 -12.23
C ASN A 599 -0.64 24.49 -12.34
N PHE A 600 0.12 25.32 -13.06
CA PHE A 600 -0.23 26.73 -13.19
C PHE A 600 -1.55 26.91 -13.94
N LEU A 601 -1.72 26.19 -15.04
CA LEU A 601 -2.95 26.33 -15.83
C LEU A 601 -4.14 25.70 -15.12
N THR A 602 -3.90 24.68 -14.29
CA THR A 602 -4.97 24.12 -13.49
C THR A 602 -5.46 25.11 -12.45
N THR A 603 -4.54 25.92 -11.89
CA THR A 603 -4.93 26.95 -10.93
C THR A 603 -5.80 28.01 -11.59
N LEU A 604 -5.47 28.42 -12.81
CA LEU A 604 -6.29 29.40 -13.51
C LEU A 604 -7.65 28.81 -13.88
N LYS A 605 -7.71 27.49 -14.07
CA LYS A 605 -9.01 26.84 -14.22
C LYS A 605 -9.82 26.89 -12.93
N VAL A 606 -9.14 26.78 -11.79
CA VAL A 606 -9.80 26.93 -10.49
C VAL A 606 -10.24 28.39 -10.32
N VAL A 607 -9.43 29.33 -10.81
CA VAL A 607 -9.82 30.74 -10.82
C VAL A 607 -11.07 30.94 -11.68
N HIS A 608 -11.11 30.31 -12.85
CA HIS A 608 -12.30 30.36 -13.70
C HIS A 608 -13.48 29.67 -13.02
N ALA A 609 -13.21 28.61 -12.25
CA ALA A 609 -14.26 28.00 -11.44
C ALA A 609 -14.75 28.97 -10.37
N LYS A 610 -13.82 29.79 -9.86
CA LYS A 610 -14.16 30.84 -8.87
C LYS A 610 -14.93 31.93 -9.63
N LEU A 611 -14.50 32.25 -10.85
CA LEU A 611 -15.15 33.23 -11.70
C LEU A 611 -16.39 32.64 -12.36
N LEU B 287 -41.88 9.52 -27.30
CA LEU B 287 -41.12 9.58 -26.05
C LEU B 287 -41.97 9.11 -24.89
N GLU B 288 -43.22 8.72 -25.18
CA GLU B 288 -44.10 8.17 -24.16
C GLU B 288 -43.57 6.83 -23.66
N ARG B 289 -42.82 6.12 -24.51
CA ARG B 289 -42.12 4.92 -24.09
C ARG B 289 -41.17 5.21 -22.93
N CYS B 290 -40.45 6.32 -23.01
CA CYS B 290 -39.56 6.73 -21.92
C CYS B 290 -40.35 7.03 -20.65
N GLU B 291 -41.55 7.60 -20.80
CA GLU B 291 -42.38 7.92 -19.65
C GLU B 291 -42.86 6.65 -18.93
N ARG B 292 -43.33 5.66 -19.69
CA ARG B 292 -43.77 4.41 -19.06
C ARG B 292 -42.59 3.65 -18.47
N GLU B 293 -41.43 3.69 -19.15
CA GLU B 293 -40.22 3.10 -18.60
C GLU B 293 -39.84 3.77 -17.30
N TRP B 294 -40.04 5.09 -17.25
CA TRP B 294 -39.76 5.91 -16.04
C TRP B 294 -40.67 5.40 -14.93
N HIS B 295 -41.96 5.18 -15.24
CA HIS B 295 -42.87 4.64 -14.23
C HIS B 295 -42.36 3.32 -13.66
N GLU B 296 -41.88 2.43 -14.54
CA GLU B 296 -41.31 1.17 -14.08
C GLU B 296 -40.05 1.39 -13.24
N LEU B 297 -39.21 2.35 -13.65
CA LEU B 297 -38.00 2.64 -12.90
C LEU B 297 -38.28 3.35 -11.59
N GLU B 298 -39.41 4.06 -11.49
CA GLU B 298 -39.81 4.60 -10.19
C GLU B 298 -40.26 3.49 -9.25
N GLY B 299 -40.98 2.50 -9.77
CA GLY B 299 -41.30 1.33 -8.96
C GLY B 299 -40.06 0.60 -8.48
N GLU B 300 -39.12 0.35 -9.40
CA GLU B 300 -37.86 -0.28 -9.01
C GLU B 300 -37.05 0.63 -8.08
N PHE B 301 -37.19 1.94 -8.23
CA PHE B 301 -36.47 2.88 -7.38
C PHE B 301 -36.95 2.81 -5.94
N GLN B 302 -38.27 2.76 -5.74
CA GLN B 302 -38.76 2.64 -4.36
C GLN B 302 -38.46 1.26 -3.79
N GLU B 303 -38.43 0.22 -4.64
CA GLU B 303 -37.97 -1.09 -4.17
C GLU B 303 -36.52 -1.05 -3.70
N LEU B 304 -35.64 -0.40 -4.47
CA LEU B 304 -34.24 -0.31 -4.06
C LEU B 304 -34.05 0.63 -2.86
N GLN B 305 -34.93 1.62 -2.71
CA GLN B 305 -34.90 2.43 -1.49
C GLN B 305 -35.24 1.58 -0.27
N GLU B 306 -36.24 0.70 -0.41
CA GLU B 306 -36.57 -0.25 0.64
C GLU B 306 -35.38 -1.13 0.98
N THR B 307 -34.74 -1.70 -0.05
CA THR B 307 -33.60 -2.59 0.20
C THR B 307 -32.42 -1.84 0.81
N HIS B 308 -32.23 -0.57 0.42
CA HIS B 308 -31.11 0.20 0.94
C HIS B 308 -31.34 0.55 2.40
N ARG B 309 -32.57 0.85 2.80
CA ARG B 309 -32.80 1.17 4.20
C ARG B 309 -32.76 -0.09 5.07
N ILE B 310 -33.18 -1.23 4.52
CA ILE B 310 -32.94 -2.52 5.18
C ILE B 310 -31.44 -2.75 5.35
N TYR B 311 -30.67 -2.43 4.31
CA TYR B 311 -29.21 -2.58 4.34
C TYR B 311 -28.60 -1.72 5.45
N LYS B 312 -29.08 -0.48 5.59
CA LYS B 312 -28.57 0.40 6.64
C LYS B 312 -28.92 -0.14 8.03
N GLN B 313 -30.13 -0.72 8.17
CA GLN B 313 -30.49 -1.37 9.42
C GLN B 313 -29.55 -2.52 9.74
N LYS B 314 -29.22 -3.33 8.73
CA LYS B 314 -28.27 -4.42 8.92
C LYS B 314 -26.89 -3.89 9.28
N LEU B 315 -26.48 -2.76 8.70
CA LEU B 315 -25.19 -2.17 9.05
C LEU B 315 -25.14 -1.73 10.50
N GLU B 316 -26.23 -1.14 11.00
CA GLU B 316 -26.28 -0.78 12.42
C GLU B 316 -26.22 -2.01 13.31
N GLU B 317 -26.91 -3.09 12.90
CA GLU B 317 -26.82 -4.34 13.65
C GLU B 317 -25.41 -4.91 13.64
N LEU B 318 -24.72 -4.81 12.49
CA LEU B 318 -23.33 -5.26 12.40
C LEU B 318 -22.44 -4.46 13.34
N ALA B 319 -22.64 -3.15 13.41
CA ALA B 319 -21.85 -2.32 14.33
C ALA B 319 -22.09 -2.72 15.78
N ALA B 320 -23.35 -3.01 16.14
CA ALA B 320 -23.66 -3.45 17.50
C ALA B 320 -22.97 -4.78 17.82
N LEU B 321 -23.03 -5.74 16.90
CA LEU B 321 -22.39 -7.03 17.17
C LEU B 321 -20.87 -6.92 17.14
N GLN B 322 -20.31 -5.98 16.38
CA GLN B 322 -18.87 -5.75 16.45
C GLN B 322 -18.45 -5.20 17.80
N THR B 323 -19.25 -4.28 18.37
CA THR B 323 -18.97 -3.81 19.73
C THR B 323 -19.07 -4.95 20.73
N LEU B 324 -20.09 -5.80 20.59
CA LEU B 324 -20.25 -6.94 21.49
C LEU B 324 -19.08 -7.91 21.38
N CYS B 325 -18.61 -8.17 20.16
CA CYS B 325 -17.52 -9.12 19.99
C CYS B 325 -16.19 -8.53 20.47
N SER B 326 -16.03 -7.21 20.37
CA SER B 326 -14.85 -6.57 20.95
C SER B 326 -14.85 -6.70 22.48
N SER B 327 -16.02 -6.53 23.10
CA SER B 327 -16.14 -6.78 24.53
C SER B 327 -15.82 -8.24 24.87
N SER B 328 -16.26 -9.15 24.00
CA SER B 328 -15.95 -10.56 24.16
C SER B 328 -14.44 -10.81 24.08
N ILE B 329 -13.75 -10.14 23.15
CA ILE B 329 -12.30 -10.24 23.05
C ILE B 329 -11.65 -9.82 24.36
N SER B 330 -12.09 -8.68 24.90
CA SER B 330 -11.49 -8.16 26.13
C SER B 330 -11.68 -9.14 27.28
N LYS B 331 -12.91 -9.61 27.50
CA LYS B 331 -13.17 -10.51 28.62
C LYS B 331 -12.50 -11.85 28.42
N GLN B 332 -12.42 -12.34 27.18
CA GLN B 332 -11.79 -13.64 26.92
C GLN B 332 -10.30 -13.58 27.18
N LYS B 333 -9.62 -12.53 26.71
CA LYS B 333 -8.18 -12.43 26.93
C LYS B 333 -7.88 -12.19 28.41
N LYS B 334 -8.75 -11.45 29.11
CA LYS B 334 -8.57 -11.25 30.55
C LYS B 334 -8.67 -12.58 31.30
N HIS B 335 -9.69 -13.37 30.97
CA HIS B 335 -9.83 -14.67 31.64
C HIS B 335 -8.72 -15.62 31.23
N LEU B 336 -8.21 -15.50 30.01
CA LEU B 336 -7.07 -16.30 29.58
C LEU B 336 -5.83 -16.00 30.39
N LYS B 337 -5.51 -14.71 30.60
CA LYS B 337 -4.30 -14.43 31.36
C LYS B 337 -4.48 -14.82 32.83
N ASP B 338 -5.68 -14.64 33.37
CA ASP B 338 -5.95 -15.08 34.74
C ASP B 338 -5.79 -16.60 34.88
N LEU B 339 -6.30 -17.36 33.91
CA LEU B 339 -6.28 -18.81 34.03
C LEU B 339 -4.88 -19.37 33.80
N LYS B 340 -4.09 -18.73 32.91
CA LYS B 340 -2.73 -19.24 32.77
C LYS B 340 -1.87 -18.83 33.96
N LEU B 341 -2.21 -17.72 34.64
CA LEU B 341 -1.58 -17.44 35.93
C LEU B 341 -1.93 -18.50 36.96
N THR B 342 -3.19 -18.95 36.98
CA THR B 342 -3.58 -20.02 37.91
C THR B 342 -2.82 -21.31 37.60
N LEU B 343 -2.68 -21.64 36.32
CA LEU B 343 -1.91 -22.82 35.94
C LEU B 343 -0.42 -22.65 36.29
N GLN B 344 0.07 -21.41 36.25
CA GLN B 344 1.48 -21.16 36.58
C GLN B 344 1.76 -21.38 38.06
N ARG B 345 0.95 -20.81 38.95
CA ARG B 345 1.29 -20.97 40.37
C ARG B 345 0.73 -22.29 40.92
N CYS B 346 -0.13 -22.96 40.15
CA CYS B 346 -0.56 -24.30 40.53
C CYS B 346 0.43 -25.38 40.08
N LYS B 347 1.44 -25.02 39.30
CA LYS B 347 2.35 -25.98 38.70
C LYS B 347 3.29 -26.62 39.74
N ARG B 348 3.44 -26.01 40.92
CA ARG B 348 4.32 -26.53 41.95
C ARG B 348 3.84 -27.89 42.45
N HIS B 349 4.79 -28.68 42.95
CA HIS B 349 4.53 -30.08 43.26
C HIS B 349 3.62 -30.23 44.48
N ALA B 350 2.61 -31.09 44.34
CA ALA B 350 1.72 -31.46 45.42
C ALA B 350 1.22 -32.88 45.15
N SER B 351 0.08 -33.20 45.77
CA SER B 351 -0.52 -34.53 45.72
C SER B 351 -0.81 -34.98 44.28
N ARG B 352 -1.01 -36.29 44.13
CA ARG B 352 -1.19 -36.89 42.81
C ARG B 352 -2.52 -36.47 42.17
N GLU B 353 -3.53 -36.18 42.99
CA GLU B 353 -4.83 -35.81 42.45
C GLU B 353 -4.78 -34.45 41.75
N GLU B 354 -4.10 -33.48 42.35
CA GLU B 354 -3.98 -32.19 41.69
C GLU B 354 -3.00 -32.27 40.52
N ALA B 355 -2.09 -33.25 40.55
CA ALA B 355 -1.21 -33.48 39.40
C ALA B 355 -2.01 -33.94 38.19
N GLU B 356 -2.95 -34.88 38.42
CA GLU B 356 -3.89 -35.26 37.37
C GLU B 356 -4.72 -34.07 36.92
N LEU B 357 -5.13 -33.22 37.87
CA LEU B 357 -5.90 -32.03 37.53
C LEU B 357 -5.08 -31.05 36.69
N VAL B 358 -3.79 -30.89 36.99
CA VAL B 358 -2.95 -29.97 36.23
C VAL B 358 -2.71 -30.49 34.81
N GLN B 359 -2.46 -31.80 34.66
CA GLN B 359 -2.29 -32.36 33.32
C GLN B 359 -3.58 -32.25 32.50
N GLN B 360 -4.72 -32.54 33.15
CA GLN B 360 -6.02 -32.45 32.50
C GLN B 360 -6.33 -31.00 32.10
N MET B 361 -6.03 -30.05 32.97
CA MET B 361 -6.23 -28.64 32.64
C MET B 361 -5.24 -28.17 31.59
N ALA B 362 -4.07 -28.80 31.50
CA ALA B 362 -3.12 -28.46 30.44
C ALA B 362 -3.64 -28.88 29.08
N ALA B 363 -4.20 -30.09 29.00
CA ALA B 363 -4.84 -30.53 27.75
C ALA B 363 -6.00 -29.61 27.39
N ASN B 364 -6.84 -29.27 28.38
CA ASN B 364 -7.93 -28.35 28.08
C ASN B 364 -7.44 -26.96 27.70
N ILE B 365 -6.37 -26.46 28.31
CA ILE B 365 -5.94 -25.09 27.99
C ILE B 365 -5.35 -25.04 26.59
N LYS B 366 -4.72 -26.15 26.15
CA LYS B 366 -4.34 -26.24 24.74
C LYS B 366 -5.57 -26.19 23.84
N GLU B 367 -6.64 -26.89 24.25
CA GLU B 367 -7.90 -26.81 23.51
C GLU B 367 -8.48 -25.38 23.53
N ARG B 368 -8.29 -24.70 24.67
CA ARG B 368 -8.77 -23.30 24.83
C ARG B 368 -8.09 -22.40 23.80
N GLN B 369 -6.76 -22.47 23.71
CA GLN B 369 -6.02 -21.66 22.74
C GLN B 369 -6.36 -22.02 21.31
N ASP B 370 -6.53 -23.30 20.99
CA ASP B 370 -6.91 -23.65 19.62
C ASP B 370 -8.26 -23.06 19.22
N VAL B 371 -9.27 -23.18 20.09
CA VAL B 371 -10.61 -22.73 19.73
C VAL B 371 -10.68 -21.21 19.68
N PHE B 372 -10.00 -20.52 20.61
CA PHE B 372 -9.99 -19.07 20.57
C PHE B 372 -9.13 -18.55 19.42
N PHE B 373 -8.13 -19.33 18.98
CA PHE B 373 -7.46 -18.98 17.73
C PHE B 373 -8.42 -19.05 16.55
N ASP B 374 -9.35 -20.02 16.58
CA ASP B 374 -10.35 -20.08 15.50
C ASP B 374 -11.25 -18.85 15.47
N MET B 375 -11.88 -18.50 16.61
CA MET B 375 -12.77 -17.35 16.52
C MET B 375 -12.01 -16.03 16.47
N GLU B 376 -10.73 -16.01 16.85
CA GLU B 376 -9.96 -14.80 16.63
C GLU B 376 -9.44 -14.77 15.20
N ALA B 377 -9.57 -15.86 14.44
CA ALA B 377 -9.17 -15.82 13.01
C ALA B 377 -10.27 -15.16 12.18
N TYR B 378 -11.50 -15.65 12.28
CA TYR B 378 -12.66 -15.09 11.50
C TYR B 378 -12.92 -13.64 11.89
N LEU B 379 -12.81 -13.32 13.17
CA LEU B 379 -13.16 -11.95 13.66
C LEU B 379 -12.32 -10.87 12.96
N PRO B 380 -12.93 -9.74 12.51
CA PRO B 380 -12.18 -8.62 11.93
C PRO B 380 -11.21 -8.07 12.98
N LYS B 381 -9.98 -7.72 12.59
CA LYS B 381 -9.00 -7.33 13.64
C LYS B 381 -8.21 -6.06 13.31
N LYS B 382 -7.83 -5.28 14.34
CA LYS B 382 -6.98 -4.12 14.22
C LYS B 382 -5.66 -4.47 13.52
N ASN B 383 -5.15 -3.54 12.72
CA ASN B 383 -3.95 -3.76 11.92
C ASN B 383 -2.68 -3.65 12.77
N GLY B 384 -1.55 -3.98 12.15
CA GLY B 384 -0.27 -3.86 12.82
C GLY B 384 0.23 -2.43 12.84
N LEU B 385 1.56 -2.28 12.79
CA LEU B 385 2.14 -0.94 12.86
C LEU B 385 2.55 -0.43 11.48
N TYR B 386 3.20 -1.27 10.67
CA TYR B 386 3.68 -0.80 9.36
C TYR B 386 2.53 -0.53 8.41
N LEU B 387 1.54 -1.41 8.40
CA LEU B 387 0.35 -1.16 7.58
C LEU B 387 -0.42 0.05 8.08
N ASN B 388 -0.41 0.28 9.40
CA ASN B 388 -0.99 1.50 9.96
C ASN B 388 -0.24 2.72 9.46
N LEU B 389 1.08 2.61 9.31
CA LEU B 389 1.88 3.76 8.90
C LEU B 389 1.72 4.05 7.41
N VAL B 390 1.43 3.03 6.61
CA VAL B 390 1.29 3.26 5.17
C VAL B 390 -0.17 3.53 4.80
N LEU B 391 -1.06 2.56 5.02
CA LEU B 391 -2.45 2.67 4.61
C LEU B 391 -3.33 3.44 5.59
N GLY B 392 -2.82 3.78 6.77
CA GLY B 392 -3.65 4.44 7.75
C GLY B 392 -4.66 3.49 8.37
N ASN B 393 -5.61 4.06 9.09
CA ASN B 393 -6.63 3.27 9.77
C ASN B 393 -7.67 2.83 8.75
N VAL B 394 -7.52 1.61 8.23
CA VAL B 394 -8.50 1.04 7.31
C VAL B 394 -8.54 -0.47 7.56
N ASN B 395 -9.72 -1.06 7.41
CA ASN B 395 -9.94 -2.48 7.71
C ASN B 395 -9.67 -3.30 6.46
N VAL B 396 -8.71 -4.21 6.54
CA VAL B 396 -8.34 -5.05 5.41
C VAL B 396 -8.56 -6.53 5.70
N THR B 397 -9.38 -6.86 6.70
CA THR B 397 -9.58 -8.28 7.08
C THR B 397 -10.66 -8.91 6.19
N LEU B 398 -10.28 -9.86 5.34
CA LEU B 398 -11.27 -10.56 4.48
C LEU B 398 -12.25 -11.33 5.38
N LEU B 399 -11.75 -12.02 6.41
CA LEU B 399 -12.61 -12.71 7.42
C LEU B 399 -13.25 -13.98 6.81
N SER B 400 -12.85 -14.36 5.59
CA SER B 400 -13.47 -15.53 4.93
C SER B 400 -12.39 -16.54 4.50
N ASN B 401 -12.59 -17.82 4.81
CA ASN B 401 -11.58 -18.87 4.49
C ASN B 401 -11.30 -18.91 2.99
N GLN B 402 -12.35 -18.99 2.15
CA GLN B 402 -12.16 -19.08 0.71
C GLN B 402 -11.60 -17.79 0.13
N ALA B 403 -11.96 -16.64 0.73
CA ALA B 403 -11.37 -15.38 0.30
C ALA B 403 -9.89 -15.33 0.60
N LYS B 404 -9.49 -15.84 1.77
CA LYS B 404 -8.06 -15.94 2.10
C LYS B 404 -7.33 -16.85 1.12
N PHE B 405 -7.96 -17.97 0.76
CA PHE B 405 -7.36 -18.89 -0.20
C PHE B 405 -7.18 -18.24 -1.56
N ALA B 406 -8.20 -17.50 -2.02
CA ALA B 406 -8.10 -16.81 -3.29
C ALA B 406 -7.04 -15.71 -3.25
N TYR B 407 -6.94 -15.00 -2.13
CA TYR B 407 -5.92 -13.97 -2.01
C TYR B 407 -4.52 -14.57 -2.00
N LYS B 408 -4.36 -15.76 -1.40
CA LYS B 408 -3.09 -16.45 -1.43
C LYS B 408 -2.72 -16.88 -2.85
N ASP B 409 -3.69 -17.37 -3.62
CA ASP B 409 -3.43 -17.70 -5.02
C ASP B 409 -3.03 -16.48 -5.83
N GLU B 410 -3.71 -15.35 -5.60
CA GLU B 410 -3.35 -14.11 -6.29
C GLU B 410 -1.94 -13.67 -5.93
N TYR B 411 -1.57 -13.81 -4.66
CA TYR B 411 -0.23 -13.42 -4.22
C TYR B 411 0.84 -14.28 -4.86
N GLU B 412 0.56 -15.58 -4.96
CA GLU B 412 1.51 -16.55 -5.59
C GLU B 412 1.67 -16.20 -7.08
N LYS B 413 0.55 -15.86 -7.76
CA LYS B 413 0.60 -15.51 -9.17
C LYS B 413 1.39 -14.23 -9.41
N PHE B 414 1.19 -13.22 -8.55
CA PHE B 414 1.94 -11.98 -8.67
C PHE B 414 3.43 -12.21 -8.48
N LYS B 415 3.79 -13.04 -7.49
CA LYS B 415 5.19 -13.32 -7.24
C LYS B 415 5.85 -14.02 -8.43
N LEU B 416 5.16 -14.99 -9.03
CA LEU B 416 5.72 -15.67 -10.20
C LEU B 416 5.89 -14.72 -11.38
N TYR B 417 4.90 -13.85 -11.62
CA TYR B 417 4.98 -12.95 -12.76
C TYR B 417 6.15 -11.97 -12.63
N LEU B 418 6.30 -11.35 -11.46
CA LEU B 418 7.39 -10.39 -11.34
C LEU B 418 8.75 -11.05 -11.18
N THR B 419 8.80 -12.31 -10.71
CA THR B 419 10.11 -12.95 -10.73
C THR B 419 10.49 -13.37 -12.15
N ILE B 420 9.48 -13.59 -13.03
CA ILE B 420 9.79 -13.79 -14.44
C ILE B 420 10.36 -12.52 -15.08
N ILE B 421 9.74 -11.38 -14.77
CA ILE B 421 10.25 -10.11 -15.32
C ILE B 421 11.66 -9.82 -14.81
N LEU B 422 11.90 -10.06 -13.51
CA LEU B 422 13.24 -9.84 -12.97
C LEU B 422 14.27 -10.79 -13.56
N LEU B 423 13.90 -12.05 -13.80
CA LEU B 423 14.85 -12.99 -14.41
C LEU B 423 15.24 -12.57 -15.81
N LEU B 424 14.23 -12.17 -16.60
CA LEU B 424 14.46 -11.74 -18.01
C LEU B 424 15.24 -10.41 -18.00
N GLY B 425 15.59 -9.92 -16.81
CA GLY B 425 16.33 -8.65 -16.68
C GLY B 425 17.71 -8.86 -16.08
N ALA B 426 17.84 -9.83 -15.16
CA ALA B 426 19.12 -10.14 -14.50
C ALA B 426 20.10 -10.73 -15.53
N VAL B 427 19.77 -11.91 -16.08
CA VAL B 427 20.65 -12.58 -17.09
C VAL B 427 20.67 -11.73 -18.36
N ALA B 428 19.65 -10.88 -18.55
CA ALA B 428 19.56 -10.00 -19.74
C ALA B 428 20.56 -8.85 -19.61
N CYS B 429 20.44 -8.06 -18.54
CA CYS B 429 21.35 -6.91 -18.29
C CYS B 429 22.81 -7.39 -18.32
N ARG B 430 23.07 -8.57 -17.74
CA ARG B 430 24.42 -9.13 -17.71
C ARG B 430 24.96 -9.35 -19.11
N PHE B 431 24.13 -9.82 -20.05
CA PHE B 431 24.64 -10.19 -21.40
C PHE B 431 24.48 -9.20 -22.56
N VAL B 432 23.51 -8.28 -22.58
CA VAL B 432 23.39 -7.44 -23.78
C VAL B 432 23.78 -5.99 -23.49
N LEU B 433 23.08 -5.36 -22.55
CA LEU B 433 23.25 -3.93 -22.34
C LEU B 433 24.13 -3.68 -21.12
N HIS B 434 25.36 -3.23 -21.37
CA HIS B 434 26.27 -2.83 -20.30
C HIS B 434 26.28 -1.31 -20.21
N TYR B 435 25.24 -0.73 -19.62
CA TYR B 435 25.19 0.71 -19.38
C TYR B 435 24.67 0.95 -17.97
N ARG B 436 24.93 2.16 -17.47
CA ARG B 436 24.56 2.50 -16.10
C ARG B 436 23.06 2.68 -15.95
N VAL B 437 22.41 3.28 -16.94
CA VAL B 437 21.00 3.67 -16.80
C VAL B 437 20.11 2.44 -16.69
N THR B 438 20.41 1.37 -17.42
CA THR B 438 19.56 0.18 -17.36
C THR B 438 19.73 -0.54 -16.03
N ASP B 439 20.92 -0.46 -15.43
CA ASP B 439 21.09 -1.05 -14.11
C ASP B 439 20.38 -0.22 -13.05
N GLU B 440 20.32 1.10 -13.23
CA GLU B 440 19.51 1.92 -12.34
C GLU B 440 18.03 1.56 -12.45
N VAL B 441 17.54 1.34 -13.67
CA VAL B 441 16.13 1.00 -13.86
C VAL B 441 15.83 -0.36 -13.23
N PHE B 442 16.74 -1.32 -13.40
CA PHE B 442 16.57 -2.64 -12.80
C PHE B 442 16.56 -2.56 -11.28
N ASN B 443 17.41 -1.69 -10.70
CA ASN B 443 17.41 -1.55 -9.24
C ASN B 443 16.15 -0.86 -8.73
N PHE B 444 15.62 0.11 -9.49
CA PHE B 444 14.31 0.67 -9.17
C PHE B 444 13.24 -0.40 -9.17
N LEU B 445 13.26 -1.29 -10.16
CA LEU B 445 12.25 -2.34 -10.22
C LEU B 445 12.39 -3.31 -9.04
N LEU B 446 13.62 -3.62 -8.64
CA LEU B 446 13.81 -4.53 -7.52
C LEU B 446 13.35 -3.91 -6.20
N VAL B 447 13.67 -2.63 -5.96
CA VAL B 447 13.27 -2.00 -4.71
C VAL B 447 11.75 -1.81 -4.65
N TRP B 448 11.13 -1.47 -5.79
CA TRP B 448 9.68 -1.38 -5.85
C TRP B 448 9.03 -2.73 -5.59
N TYR B 449 9.60 -3.79 -6.15
CA TYR B 449 9.07 -5.13 -5.97
C TYR B 449 9.14 -5.55 -4.51
N TYR B 450 10.25 -5.23 -3.84
CA TYR B 450 10.39 -5.62 -2.44
C TYR B 450 9.42 -4.85 -1.53
N CYS B 451 9.19 -3.57 -1.83
CA CYS B 451 8.20 -2.83 -1.04
C CYS B 451 6.78 -3.39 -1.27
N THR B 452 6.46 -3.77 -2.50
CA THR B 452 5.14 -4.35 -2.75
C THR B 452 4.97 -5.68 -2.02
N LEU B 453 6.01 -6.52 -2.01
CA LEU B 453 5.96 -7.76 -1.23
C LEU B 453 5.83 -7.52 0.26
N THR B 454 6.47 -6.49 0.81
CA THR B 454 6.32 -6.34 2.26
C THR B 454 4.94 -5.81 2.63
N ILE B 455 4.32 -4.98 1.76
CA ILE B 455 2.93 -4.59 2.01
C ILE B 455 1.99 -5.79 1.89
N ARG B 456 2.19 -6.62 0.87
CA ARG B 456 1.35 -7.80 0.67
C ARG B 456 1.47 -8.77 1.85
N GLU B 457 2.68 -9.00 2.34
CA GLU B 457 2.84 -9.93 3.45
C GLU B 457 2.34 -9.34 4.76
N SER B 458 2.36 -8.01 4.90
CA SER B 458 1.70 -7.40 6.06
C SER B 458 0.20 -7.64 6.03
N ILE B 459 -0.41 -7.49 4.85
CA ILE B 459 -1.84 -7.82 4.69
C ILE B 459 -2.08 -9.29 5.00
N LEU B 460 -1.18 -10.16 4.54
CA LEU B 460 -1.36 -11.60 4.71
C LEU B 460 -1.25 -12.01 6.18
N ILE B 461 -0.32 -11.41 6.91
CA ILE B 461 -0.17 -11.72 8.34
C ILE B 461 -1.35 -11.16 9.13
N SER B 462 -1.79 -9.95 8.80
CA SER B 462 -2.92 -9.37 9.52
C SER B 462 -4.24 -10.02 9.12
N ASN B 463 -4.23 -10.80 8.03
CA ASN B 463 -5.44 -11.46 7.59
C ASN B 463 -5.56 -12.85 8.20
N GLY B 464 -4.53 -13.67 8.03
CA GLY B 464 -4.61 -15.08 8.36
C GLY B 464 -3.44 -15.64 9.14
N SER B 465 -2.78 -16.63 8.56
CA SER B 465 -1.75 -17.42 9.24
C SER B 465 -0.55 -16.57 9.62
N ARG B 466 0.17 -17.04 10.63
CA ARG B 466 1.38 -16.35 11.09
C ARG B 466 2.60 -16.86 10.34
N ILE B 467 3.08 -16.07 9.39
CA ILE B 467 4.37 -16.29 8.75
C ILE B 467 5.42 -15.35 9.33
N LYS B 468 5.17 -14.82 10.53
CA LYS B 468 6.11 -13.91 11.16
C LYS B 468 7.37 -14.65 11.59
N GLY B 469 8.52 -14.04 11.36
CA GLY B 469 9.78 -14.65 11.72
C GLY B 469 10.92 -13.88 11.09
N TRP B 470 11.78 -14.64 10.42
CA TRP B 470 12.92 -14.03 9.73
C TRP B 470 12.49 -13.32 8.46
N TRP B 471 11.34 -13.71 7.90
CA TRP B 471 11.06 -13.43 6.48
C TRP B 471 10.77 -11.95 6.21
N VAL B 472 9.98 -11.31 7.06
CA VAL B 472 9.64 -9.91 6.82
C VAL B 472 10.86 -9.02 7.05
N SER B 473 11.66 -9.34 8.07
CA SER B 473 12.91 -8.61 8.28
C SER B 473 13.90 -8.91 7.17
N HIS B 474 13.84 -10.12 6.61
CA HIS B 474 14.64 -10.46 5.44
C HIS B 474 14.30 -9.55 4.26
N HIS B 475 13.00 -9.32 4.04
CA HIS B 475 12.61 -8.43 2.94
C HIS B 475 13.04 -6.99 3.20
N TYR B 476 12.98 -6.55 4.46
CA TYR B 476 13.43 -5.19 4.75
C TYR B 476 14.93 -5.03 4.50
N VAL B 477 15.74 -5.98 4.97
CA VAL B 477 17.17 -5.82 4.77
C VAL B 477 17.54 -6.03 3.31
N SER B 478 16.74 -6.80 2.57
CA SER B 478 17.05 -6.98 1.16
C SER B 478 16.68 -5.75 0.34
N THR B 479 15.62 -5.04 0.71
CA THR B 479 15.33 -3.80 0.00
C THR B 479 16.34 -2.71 0.37
N PHE B 480 16.89 -2.77 1.59
CA PHE B 480 18.02 -1.90 1.91
C PHE B 480 19.23 -2.23 1.04
N LEU B 481 19.45 -3.52 0.79
CA LEU B 481 20.57 -3.94 -0.05
C LEU B 481 20.41 -3.42 -1.47
N SER B 482 19.20 -3.52 -2.04
CA SER B 482 18.96 -2.99 -3.40
C SER B 482 19.44 -1.54 -3.50
N GLY B 483 19.09 -0.69 -2.52
CA GLY B 483 19.43 0.75 -2.59
C GLY B 483 20.92 1.03 -2.61
N VAL B 484 21.72 0.33 -1.81
CA VAL B 484 23.18 0.66 -1.71
C VAL B 484 23.87 0.44 -3.06
N MET B 485 23.50 -0.60 -3.80
CA MET B 485 24.12 -0.91 -5.11
C MET B 485 23.86 0.25 -6.07
N LEU B 486 22.67 0.83 -6.03
CA LEU B 486 22.27 1.90 -7.00
C LEU B 486 23.14 3.16 -6.92
N THR B 487 23.54 3.60 -5.72
CA THR B 487 24.25 4.92 -5.63
C THR B 487 25.78 4.83 -5.60
N TRP B 488 26.41 3.86 -6.27
CA TRP B 488 27.86 3.77 -6.33
C TRP B 488 28.37 4.78 -7.36
N PRO B 489 29.62 5.24 -7.23
CA PRO B 489 30.07 6.32 -8.13
C PRO B 489 30.59 5.82 -9.47
N ASN B 490 30.28 4.58 -9.85
CA ASN B 490 30.51 4.04 -11.20
C ASN B 490 32.00 4.02 -11.57
N GLY B 491 32.86 3.76 -10.61
CA GLY B 491 34.27 3.58 -10.92
C GLY B 491 34.54 2.23 -11.53
N PRO B 492 35.83 1.86 -11.59
CA PRO B 492 36.16 0.50 -12.02
C PRO B 492 35.65 -0.57 -11.08
N ILE B 493 35.52 -0.24 -9.79
CA ILE B 493 35.20 -1.24 -8.78
C ILE B 493 33.76 -1.72 -8.95
N TYR B 494 32.85 -0.82 -9.31
CA TYR B 494 31.50 -1.25 -9.66
C TYR B 494 31.50 -2.13 -10.89
N GLN B 495 32.38 -1.81 -11.85
CA GLN B 495 32.49 -2.61 -13.05
C GLN B 495 33.10 -3.98 -12.77
N LYS B 496 33.65 -4.17 -11.56
CA LYS B 496 34.11 -5.52 -11.21
C LYS B 496 33.05 -6.27 -10.39
N PHE B 497 32.34 -5.58 -9.51
CA PHE B 497 31.36 -6.24 -8.64
C PHE B 497 30.05 -6.55 -9.35
N ARG B 498 29.83 -5.95 -10.52
CA ARG B 498 28.57 -6.09 -11.24
C ARG B 498 28.29 -7.54 -11.65
N ASN B 499 29.31 -8.27 -12.11
CA ASN B 499 29.08 -9.60 -12.65
C ASN B 499 28.63 -10.58 -11.58
N GLN B 500 29.30 -10.58 -10.44
CA GLN B 500 28.90 -11.44 -9.33
C GLN B 500 27.53 -11.06 -8.80
N PHE B 501 27.20 -9.76 -8.76
CA PHE B 501 25.85 -9.41 -8.32
C PHE B 501 24.78 -9.92 -9.27
N LEU B 502 25.02 -9.85 -10.57
CA LEU B 502 23.99 -10.30 -11.49
C LEU B 502 23.84 -11.82 -11.49
N ALA B 503 24.95 -12.56 -11.36
CA ALA B 503 24.84 -14.01 -11.26
C ALA B 503 24.09 -14.42 -9.99
N PHE B 504 24.34 -13.68 -8.91
CA PHE B 504 23.69 -13.96 -7.61
C PHE B 504 22.18 -13.75 -7.75
N SER B 505 21.79 -12.71 -8.50
CA SER B 505 20.35 -12.40 -8.75
C SER B 505 19.70 -13.56 -9.51
N ILE B 506 20.41 -14.09 -10.52
CA ILE B 506 19.89 -15.22 -11.35
C ILE B 506 19.64 -16.41 -10.40
N PHE B 507 20.55 -16.65 -9.46
CA PHE B 507 20.41 -17.76 -8.49
C PHE B 507 19.17 -17.51 -7.62
N GLN B 508 18.98 -16.25 -7.21
CA GLN B 508 17.83 -15.87 -6.39
C GLN B 508 16.53 -16.05 -7.15
N SER B 509 16.49 -15.65 -8.42
CA SER B 509 15.28 -15.80 -9.20
C SER B 509 14.93 -17.27 -9.41
N CYS B 510 15.94 -18.11 -9.66
CA CYS B 510 15.66 -19.53 -9.88
C CYS B 510 15.15 -20.20 -8.60
N VAL B 511 15.72 -19.82 -7.44
CA VAL B 511 15.27 -20.40 -6.18
C VAL B 511 13.84 -19.99 -5.87
N GLN B 512 13.50 -18.71 -6.08
CA GLN B 512 12.12 -18.29 -5.82
C GLN B 512 11.14 -18.94 -6.80
N PHE B 513 11.57 -19.14 -8.05
CA PHE B 513 10.69 -19.81 -9.03
C PHE B 513 10.42 -21.26 -8.65
N LEU B 514 11.47 -22.00 -8.26
CA LEU B 514 11.27 -23.39 -7.88
C LEU B 514 10.56 -23.49 -6.52
N GLN B 515 10.67 -22.42 -5.72
CA GLN B 515 10.03 -22.37 -4.38
C GLN B 515 8.53 -22.13 -4.54
N TYR B 516 8.09 -21.75 -5.74
CA TYR B 516 6.66 -21.49 -6.02
C TYR B 516 6.03 -22.74 -6.65
N TYR B 517 6.72 -23.33 -7.64
CA TYR B 517 6.21 -24.54 -8.34
C TYR B 517 5.83 -25.60 -7.30
N TYR B 518 6.27 -25.41 -6.06
CA TYR B 518 5.97 -26.36 -4.95
C TYR B 518 4.90 -25.77 -4.04
N GLN B 519 4.94 -24.45 -3.82
CA GLN B 519 3.95 -23.76 -2.96
C GLN B 519 3.83 -24.50 -1.63
N PHE B 552 15.32 -31.33 -2.53
CA PHE B 552 15.18 -30.65 -3.81
C PHE B 552 15.36 -29.15 -3.67
N LEU B 553 14.40 -28.51 -2.99
CA LEU B 553 14.51 -27.08 -2.73
C LEU B 553 15.63 -26.80 -1.75
N LEU B 554 15.86 -27.70 -0.78
CA LEU B 554 16.88 -27.50 0.23
C LEU B 554 18.31 -27.45 -0.30
N PRO B 555 18.79 -28.36 -1.18
CA PRO B 555 20.19 -28.23 -1.65
C PRO B 555 20.46 -26.96 -2.45
N PHE B 556 19.51 -26.52 -3.27
CA PHE B 556 19.73 -25.27 -4.00
C PHE B 556 19.66 -24.07 -3.06
N LEU B 557 18.92 -24.20 -1.96
CA LEU B 557 18.91 -23.14 -0.95
C LEU B 557 20.24 -23.06 -0.22
N PHE B 558 20.83 -24.22 0.08
CA PHE B 558 22.18 -24.24 0.65
C PHE B 558 23.21 -23.64 -0.31
N CYS B 559 23.09 -23.96 -1.60
CA CYS B 559 24.01 -23.41 -2.59
C CYS B 559 23.80 -21.90 -2.75
N GLY B 560 22.56 -21.43 -2.59
CA GLY B 560 22.32 -20.01 -2.56
C GLY B 560 23.00 -19.33 -1.38
N HIS B 561 22.94 -19.97 -0.20
CA HIS B 561 23.65 -19.43 0.96
C HIS B 561 25.16 -19.38 0.72
N PHE B 562 25.72 -20.42 0.09
CA PHE B 562 27.17 -20.45 -0.12
C PHE B 562 27.60 -19.47 -1.20
N TRP B 563 26.75 -19.24 -2.21
CA TRP B 563 27.02 -18.21 -3.19
C TRP B 563 26.98 -16.83 -2.55
N GLN B 564 26.05 -16.65 -1.61
CA GLN B 564 25.99 -15.42 -0.84
C GLN B 564 27.25 -15.22 -0.01
N LEU B 565 27.77 -16.32 0.56
CA LEU B 565 29.03 -16.24 1.29
C LEU B 565 30.20 -15.91 0.37
N TYR B 566 30.14 -16.43 -0.86
CA TYR B 566 31.18 -16.16 -1.89
C TYR B 566 31.21 -14.65 -2.13
N ASN B 567 30.03 -14.07 -2.37
CA ASN B 567 29.91 -12.62 -2.58
C ASN B 567 30.43 -11.84 -1.37
N ALA B 568 30.07 -12.29 -0.18
CA ALA B 568 30.47 -11.56 1.03
C ALA B 568 31.98 -11.56 1.20
N VAL B 569 32.63 -12.72 1.02
CA VAL B 569 34.07 -12.81 1.20
C VAL B 569 34.80 -12.03 0.11
N THR B 570 34.33 -12.14 -1.15
CA THR B 570 34.97 -11.43 -2.24
C THR B 570 34.91 -9.93 -2.05
N LEU B 571 33.75 -9.40 -1.64
CA LEU B 571 33.63 -7.97 -1.49
C LEU B 571 34.37 -7.48 -0.24
N PHE B 572 34.39 -8.28 0.83
CA PHE B 572 35.14 -7.92 2.02
C PHE B 572 36.64 -7.87 1.75
N GLU B 573 37.15 -8.79 0.94
CA GLU B 573 38.55 -8.71 0.53
C GLU B 573 38.77 -7.56 -0.44
N LEU B 574 37.73 -7.22 -1.22
CA LEU B 574 37.83 -6.12 -2.18
C LEU B 574 37.98 -4.78 -1.47
N SER B 575 37.37 -4.64 -0.28
CA SER B 575 37.49 -3.39 0.47
C SER B 575 38.93 -3.09 0.87
N SER B 576 39.75 -4.13 1.03
CA SER B 576 41.14 -3.93 1.43
C SER B 576 42.05 -3.74 0.23
N HIS B 577 41.67 -4.30 -0.92
CA HIS B 577 42.59 -4.37 -2.07
C HIS B 577 42.88 -3.00 -2.66
N GLU B 578 41.83 -2.21 -2.92
CA GLU B 578 42.03 -0.91 -3.54
C GLU B 578 42.60 0.08 -2.53
N GLU B 579 43.44 1.00 -3.01
CA GLU B 579 44.09 1.97 -2.14
C GLU B 579 43.09 2.91 -1.50
N CYS B 580 42.10 3.38 -2.26
CA CYS B 580 41.06 4.27 -1.77
C CYS B 580 39.71 3.58 -1.89
N ARG B 581 38.94 3.60 -0.80
CA ARG B 581 37.64 2.93 -0.75
C ARG B 581 36.54 3.95 -0.59
N GLU B 582 35.44 3.76 -1.32
CA GLU B 582 34.21 4.46 -1.00
C GLU B 582 33.62 3.89 0.28
N TRP B 583 32.64 4.60 0.83
CA TRP B 583 31.97 4.08 2.02
C TRP B 583 30.94 3.03 1.64
N GLN B 584 30.72 2.83 0.34
CA GLN B 584 29.61 1.97 -0.09
C GLN B 584 30.07 0.57 -0.50
N VAL B 585 31.37 0.29 -0.43
CA VAL B 585 31.82 -1.08 -0.63
C VAL B 585 31.93 -1.81 0.70
N PHE B 586 31.80 -1.08 1.80
CA PHE B 586 31.99 -1.69 3.11
C PHE B 586 30.71 -1.65 3.93
N VAL B 587 29.74 -0.84 3.51
CA VAL B 587 28.42 -0.92 4.13
C VAL B 587 27.59 -1.94 3.38
N LEU B 588 28.09 -2.42 2.25
CA LEU B 588 27.28 -3.29 1.42
C LEU B 588 27.63 -4.75 1.64
N ALA B 589 28.88 -5.02 2.02
CA ALA B 589 29.30 -6.40 2.27
C ALA B 589 28.62 -6.96 3.49
N PHE B 590 28.41 -6.13 4.52
CA PHE B 590 27.89 -6.63 5.77
C PHE B 590 26.39 -6.87 5.69
N THR B 591 25.73 -6.27 4.68
CA THR B 591 24.36 -6.65 4.39
C THR B 591 24.30 -8.08 3.86
N PHE B 592 25.26 -8.45 3.02
CA PHE B 592 25.33 -9.82 2.53
C PHE B 592 25.61 -10.80 3.64
N LEU B 593 26.42 -10.41 4.62
CA LEU B 593 26.79 -11.34 5.69
C LEU B 593 25.64 -11.55 6.65
N ILE B 594 24.88 -10.49 6.95
CA ILE B 594 23.68 -10.64 7.77
C ILE B 594 22.64 -11.47 7.04
N LEU B 595 22.56 -11.30 5.71
CA LEU B 595 21.63 -12.11 4.93
C LEU B 595 22.14 -13.53 4.70
N PHE B 596 23.32 -13.85 5.22
CA PHE B 596 23.78 -15.23 5.19
C PHE B 596 23.45 -15.95 6.48
N LEU B 597 23.79 -15.34 7.62
CA LEU B 597 23.60 -15.99 8.91
C LEU B 597 22.12 -16.13 9.26
N GLY B 598 21.28 -15.30 8.64
CA GLY B 598 19.87 -15.33 8.96
C GLY B 598 19.13 -16.46 8.27
N ASN B 599 19.22 -16.51 6.93
CA ASN B 599 18.39 -17.44 6.18
C ASN B 599 18.89 -18.88 6.27
N PHE B 600 20.22 -19.07 6.30
CA PHE B 600 20.77 -20.41 6.35
C PHE B 600 20.41 -21.12 7.65
N LEU B 601 20.52 -20.41 8.78
CA LEU B 601 20.22 -21.02 10.07
C LEU B 601 18.73 -21.24 10.24
N THR B 602 17.91 -20.39 9.62
CA THR B 602 16.46 -20.59 9.64
C THR B 602 16.08 -21.85 8.88
N THR B 603 16.80 -22.15 7.79
CA THR B 603 16.54 -23.38 7.04
C THR B 603 16.86 -24.61 7.86
N LEU B 604 17.97 -24.59 8.62
CA LEU B 604 18.32 -25.71 9.47
C LEU B 604 17.32 -25.86 10.62
N LYS B 605 16.70 -24.75 11.04
CA LYS B 605 15.60 -24.83 11.99
C LYS B 605 14.38 -25.51 11.36
N VAL B 606 14.14 -25.25 10.07
CA VAL B 606 13.08 -25.95 9.35
C VAL B 606 13.43 -27.43 9.20
N VAL B 607 14.72 -27.72 9.00
CA VAL B 607 15.19 -29.10 8.98
C VAL B 607 14.94 -29.77 10.32
N HIS B 608 15.24 -29.06 11.41
CA HIS B 608 14.94 -29.58 12.74
C HIS B 608 13.44 -29.72 12.96
N ALA B 609 12.65 -28.82 12.37
CA ALA B 609 11.20 -28.97 12.38
C ALA B 609 10.78 -30.22 11.61
N LYS B 610 11.53 -30.51 10.55
CA LYS B 610 11.30 -31.74 9.74
C LYS B 610 11.76 -32.93 10.60
N LEU B 611 12.89 -32.76 11.29
CA LEU B 611 13.43 -33.79 12.18
C LEU B 611 12.67 -33.82 13.50
#